data_6E5W
#
_entry.id   6E5W
#
_cell.length_a   37.460
_cell.length_b   127.510
_cell.length_c   160.229
_cell.angle_alpha   90.00
_cell.angle_beta   90.00
_cell.angle_gamma   90.00
#
_symmetry.space_group_name_H-M   'P 21 21 21'
#
loop_
_entity.id
_entity.type
_entity.pdbx_description
1 polymer 'Retinol-binding protein 5'
2 non-polymer "(1'R,2'R)-5'-methyl-6-pentyl-2'-(prop-1-en-2-yl)-1',2',3',4'-tetrahydro[1,1'-biphenyl]-2,4-diol"
3 non-polymer GLYCEROL
4 water water
#
_entity_poly.entity_id   1
_entity_poly.type   'polypeptide(L)'
_entity_poly.pdbx_seq_one_letter_code
;MPPNLTGYYRFVSQKNMEDYLQALNISLAVRKIALLLKPDKEIEHQGNHMTVRTLSTFRNYTVQFDVGVEFEEDLRSVDG
RKCQTIVTWEEEHLVCVQKGEVPNRGWRHWLEGEMLYLELTARDAVCEQVFRKVRLVPR
;
_entity_poly.pdbx_strand_id   A,B,C,D
#
# COMPACT_ATOMS: atom_id res chain seq x y z
N PRO A 3 10.48 -16.15 15.19
CA PRO A 3 11.26 -14.93 15.47
C PRO A 3 10.43 -13.89 16.16
N ASN A 4 10.80 -13.54 17.39
CA ASN A 4 10.12 -12.48 18.10
C ASN A 4 10.85 -11.20 17.75
N LEU A 5 10.08 -10.17 17.37
CA LEU A 5 10.61 -8.97 16.76
C LEU A 5 10.67 -7.79 17.70
N THR A 6 10.26 -7.96 18.96
CA THR A 6 10.26 -6.86 19.91
C THR A 6 11.62 -6.16 19.93
N GLY A 7 11.61 -4.84 19.89
CA GLY A 7 12.84 -4.09 19.98
C GLY A 7 12.66 -2.65 19.55
N TYR A 8 13.73 -1.89 19.74
CA TYR A 8 13.84 -0.57 19.17
C TYR A 8 14.91 -0.66 18.11
N TYR A 9 14.58 -0.23 16.91
CA TYR A 9 15.44 -0.39 15.75
C TYR A 9 15.70 0.99 15.17
N ARG A 10 16.97 1.27 14.94
CA ARG A 10 17.42 2.62 14.60
C ARG A 10 17.73 2.66 13.10
N PHE A 11 17.28 3.72 12.44
CA PHE A 11 17.51 3.87 11.01
C PHE A 11 18.97 3.64 10.66
N VAL A 12 19.17 2.96 9.54
CA VAL A 12 20.49 2.73 8.95
C VAL A 12 20.51 3.29 7.53
N SER A 13 19.62 2.83 6.68
CA SER A 13 19.67 3.30 5.29
C SER A 13 18.38 3.01 4.54
N GLN A 14 18.23 3.70 3.41
CA GLN A 14 17.09 3.45 2.55
C GLN A 14 17.50 3.66 1.09
N LYS A 15 16.69 3.08 0.21
CA LYS A 15 17.00 2.98 -1.20
C LYS A 15 15.69 2.98 -1.99
N ASN A 16 15.58 3.92 -2.93
CA ASN A 16 14.40 4.02 -3.78
C ASN A 16 13.16 4.33 -2.99
N MET A 17 13.30 5.02 -1.85
CA MET A 17 12.11 5.47 -1.16
C MET A 17 11.32 6.43 -2.05
N GLU A 18 11.99 7.24 -2.87
CA GLU A 18 11.22 8.12 -3.74
C GLU A 18 10.31 7.33 -4.70
N ASP A 19 10.79 6.21 -5.28
CA ASP A 19 9.93 5.43 -6.17
C ASP A 19 8.65 5.02 -5.47
N TYR A 20 8.81 4.52 -4.25
CA TYR A 20 7.68 4.08 -3.46
C TYR A 20 6.74 5.25 -3.15
N LEU A 21 7.28 6.42 -2.81
CA LEU A 21 6.39 7.53 -2.52
C LEU A 21 5.68 7.99 -3.78
N GLN A 22 6.38 7.98 -4.92
CA GLN A 22 5.71 8.29 -6.18
C GLN A 22 4.57 7.30 -6.45
N ALA A 23 4.83 6.02 -6.20
CA ALA A 23 3.79 5.04 -6.51
C ALA A 23 2.56 5.23 -5.64
N LEU A 24 2.68 5.84 -4.47
CA LEU A 24 1.51 6.12 -3.64
C LEU A 24 0.91 7.48 -3.92
N ASN A 25 1.35 8.18 -4.95
CA ASN A 25 0.72 9.42 -5.38
C ASN A 25 0.96 10.54 -4.41
N ILE A 26 2.09 10.49 -3.73
CA ILE A 26 2.50 11.57 -2.83
C ILE A 26 3.13 12.71 -3.65
N SER A 27 2.69 13.94 -3.38
CA SER A 27 3.08 15.10 -4.16
C SER A 27 4.57 15.40 -4.01
N LEU A 28 5.09 16.17 -4.97
CA LEU A 28 6.52 16.49 -5.02
C LEU A 28 6.97 17.20 -3.75
N ALA A 29 6.17 18.15 -3.28
CA ALA A 29 6.58 18.93 -2.11
C ALA A 29 6.67 18.04 -0.88
N VAL A 30 5.74 17.09 -0.74
CA VAL A 30 5.71 16.22 0.41
C VAL A 30 6.82 15.18 0.35
N ARG A 31 7.18 14.74 -0.84
CA ARG A 31 8.25 13.73 -0.95
C ARG A 31 9.60 14.34 -0.63
N LYS A 32 9.79 15.62 -0.97
CA LYS A 32 11.04 16.30 -0.69
C LYS A 32 11.38 16.23 0.79
N ILE A 33 10.37 16.45 1.63
CA ILE A 33 10.55 16.44 3.08
C ILE A 33 10.65 15.02 3.58
N ALA A 34 9.76 14.14 3.10
CA ALA A 34 9.69 12.75 3.56
C ALA A 34 11.01 12.01 3.29
N LEU A 35 11.71 12.35 2.22
CA LEU A 35 13.00 11.73 1.97
C LEU A 35 14.06 12.14 2.99
N LEU A 36 13.84 13.23 3.72
CA LEU A 36 14.80 13.65 4.72
C LEU A 36 14.56 12.98 6.06
N LEU A 37 13.38 12.43 6.29
CA LEU A 37 13.16 11.73 7.54
C LEU A 37 13.98 10.45 7.54
N LYS A 38 14.38 10.03 8.73
CA LYS A 38 15.18 8.82 8.88
C LYS A 38 14.56 8.09 10.05
N PRO A 39 13.40 7.50 9.83
CA PRO A 39 12.58 7.01 10.94
C PRO A 39 13.10 5.72 11.52
N ASP A 40 12.79 5.55 12.79
CA ASP A 40 13.11 4.34 13.53
C ASP A 40 11.86 3.47 13.52
N LYS A 41 12.03 2.21 13.90
CA LYS A 41 10.91 1.29 14.08
C LYS A 41 10.97 0.81 15.52
N GLU A 42 9.85 0.89 16.23
CA GLU A 42 9.69 0.24 17.54
C GLU A 42 8.60 -0.82 17.41
N ILE A 43 8.93 -2.05 17.83
CA ILE A 43 8.01 -3.17 17.71
C ILE A 43 7.72 -3.77 19.07
N GLU A 44 6.45 -4.00 19.37
CA GLU A 44 6.06 -4.81 20.51
C GLU A 44 5.39 -6.07 19.97
N HIS A 45 5.97 -7.23 20.24
CA HIS A 45 5.52 -8.47 19.64
C HIS A 45 5.29 -9.46 20.77
N GLN A 46 4.01 -9.64 21.11
CA GLN A 46 3.60 -10.46 22.24
C GLN A 46 2.63 -11.54 21.74
N GLY A 47 3.05 -12.79 21.78
CA GLY A 47 2.24 -13.83 21.17
C GLY A 47 2.20 -13.61 19.68
N ASN A 48 1.00 -13.54 19.10
CA ASN A 48 0.88 -13.23 17.70
C ASN A 48 0.19 -11.88 17.50
N HIS A 49 0.23 -11.02 18.52
CA HIS A 49 -0.10 -9.61 18.40
C HIS A 49 1.17 -8.80 18.19
N MET A 50 1.13 -7.85 17.26
CA MET A 50 2.23 -6.92 17.09
C MET A 50 1.69 -5.50 17.01
N THR A 51 2.44 -4.57 17.60
CA THR A 51 2.36 -3.14 17.34
C THR A 51 3.64 -2.75 16.63
N VAL A 52 3.52 -1.99 15.55
CA VAL A 52 4.67 -1.52 14.79
C VAL A 52 4.58 -0.02 14.67
N ARG A 53 5.56 0.69 15.26
CA ARG A 53 5.64 2.14 15.23
C ARG A 53 6.79 2.55 14.32
N THR A 54 6.47 3.42 13.37
CA THR A 54 7.47 4.14 12.60
C THR A 54 7.60 5.54 13.22
N LEU A 55 8.79 5.87 13.70
CA LEU A 55 8.98 7.04 14.54
C LEU A 55 9.95 7.99 13.87
N SER A 56 9.55 9.23 13.70
CA SER A 56 10.46 10.22 13.15
C SER A 56 10.27 11.50 13.94
N THR A 57 11.20 12.43 13.73
CA THR A 57 11.14 13.74 14.37
C THR A 57 9.83 14.49 14.07
N PHE A 58 9.14 14.19 12.97
CA PHE A 58 7.92 14.93 12.63
C PHE A 58 6.65 14.09 12.59
N ARG A 59 6.73 12.84 12.21
CA ARG A 59 5.51 12.08 12.04
C ARG A 59 5.73 10.67 12.55
N ASN A 60 4.80 10.21 13.35
CA ASN A 60 4.70 8.80 13.64
C ASN A 60 3.55 8.19 12.87
N TYR A 61 3.73 6.94 12.51
CA TYR A 61 2.69 6.08 11.98
C TYR A 61 2.73 4.82 12.80
N THR A 62 1.59 4.40 13.32
CA THR A 62 1.48 3.16 14.09
C THR A 62 0.44 2.22 13.48
N VAL A 63 0.74 0.92 13.48
CA VAL A 63 -0.20 -0.10 13.06
C VAL A 63 -0.17 -1.22 14.09
N GLN A 64 -1.34 -1.72 14.46
CA GLN A 64 -1.51 -2.88 15.32
C GLN A 64 -2.22 -4.00 14.58
N PHE A 65 -1.87 -5.24 14.87
CA PHE A 65 -2.56 -6.35 14.19
C PHE A 65 -2.28 -7.67 14.90
N ASP A 66 -3.18 -8.61 14.70
CA ASP A 66 -2.88 -10.02 14.96
C ASP A 66 -2.42 -10.65 13.65
N VAL A 67 -1.38 -11.46 13.74
CA VAL A 67 -0.93 -12.16 12.56
C VAL A 67 -2.05 -13.08 12.09
N GLY A 68 -2.34 -13.03 10.79
CA GLY A 68 -3.35 -13.86 10.24
C GLY A 68 -4.78 -13.33 10.25
N VAL A 69 -5.04 -12.16 10.83
CA VAL A 69 -6.38 -11.58 10.88
C VAL A 69 -6.42 -10.30 10.08
N GLU A 70 -7.30 -10.26 9.10
CA GLU A 70 -7.44 -9.09 8.24
C GLU A 70 -7.97 -7.93 9.06
N PHE A 71 -7.51 -6.72 8.74
CA PHE A 71 -8.00 -5.53 9.42
C PHE A 71 -7.98 -4.35 8.45
N GLU A 72 -8.81 -3.35 8.78
CA GLU A 72 -8.82 -2.10 8.03
C GLU A 72 -7.69 -1.22 8.57
N GLU A 73 -6.75 -0.86 7.70
CA GLU A 73 -5.60 -0.07 8.11
C GLU A 73 -5.81 1.34 7.62
N ASP A 74 -5.85 2.29 8.56
CA ASP A 74 -6.10 3.68 8.24
C ASP A 74 -4.77 4.34 7.88
N LEU A 75 -4.51 4.46 6.58
CA LEU A 75 -3.27 5.03 6.05
C LEU A 75 -3.50 6.44 5.56
N ARG A 76 -4.57 7.09 6.03
CA ARG A 76 -4.88 8.42 5.55
C ARG A 76 -3.81 9.43 5.92
N SER A 77 -3.17 9.26 7.06
CA SER A 77 -2.09 10.17 7.36
C SER A 77 -0.87 9.94 6.48
N VAL A 78 -0.83 8.89 5.69
CA VAL A 78 0.33 8.64 4.86
C VAL A 78 0.05 9.06 3.43
N ASP A 79 -0.89 8.37 2.76
CA ASP A 79 -1.18 8.65 1.36
C ASP A 79 -2.65 8.90 1.12
N GLY A 80 -3.45 9.01 2.18
CA GLY A 80 -4.86 9.30 2.05
C GLY A 80 -5.81 8.13 1.92
N ARG A 81 -5.32 6.89 2.01
CA ARG A 81 -6.14 5.74 1.69
C ARG A 81 -6.34 4.87 2.92
N LYS A 82 -7.38 4.04 2.84
CA LYS A 82 -7.58 2.89 3.72
C LYS A 82 -7.33 1.59 2.96
N CYS A 83 -6.91 0.57 3.67
CA CYS A 83 -6.62 -0.70 3.06
C CYS A 83 -7.19 -1.84 3.88
N GLN A 84 -7.53 -2.93 3.20
CA GLN A 84 -7.83 -4.17 3.90
C GLN A 84 -6.53 -4.94 3.92
N THR A 85 -5.97 -5.11 5.12
CA THR A 85 -4.58 -5.48 5.26
C THR A 85 -4.46 -6.77 6.03
N ILE A 86 -3.52 -7.61 5.61
CA ILE A 86 -3.33 -8.89 6.27
C ILE A 86 -1.84 -9.11 6.41
N VAL A 87 -1.41 -9.56 7.60
CA VAL A 87 -0.01 -9.87 7.87
C VAL A 87 0.11 -11.36 8.18
N THR A 88 1.13 -11.99 7.61
CA THR A 88 1.34 -13.42 7.72
C THR A 88 2.81 -13.72 7.97
N TRP A 89 3.08 -14.89 8.50
CA TRP A 89 4.44 -15.42 8.56
C TRP A 89 4.65 -16.32 7.35
N GLU A 90 5.63 -16.00 6.52
CA GLU A 90 5.99 -16.82 5.35
C GLU A 90 7.46 -17.20 5.52
N GLU A 91 7.69 -18.37 6.12
CA GLU A 91 9.02 -18.80 6.50
C GLU A 91 9.50 -17.84 7.60
N GLU A 92 10.61 -17.12 7.43
CA GLU A 92 11.01 -16.21 8.51
C GLU A 92 10.69 -14.76 8.17
N HIS A 93 9.95 -14.56 7.08
CA HIS A 93 9.52 -13.25 6.66
C HIS A 93 8.13 -12.89 7.16
N LEU A 94 8.01 -11.68 7.68
CA LEU A 94 6.70 -11.12 8.05
C LEU A 94 6.18 -10.35 6.84
N VAL A 95 5.08 -10.83 6.27
CA VAL A 95 4.62 -10.38 4.97
C VAL A 95 3.26 -9.71 5.11
N CYS A 96 3.14 -8.55 4.50
CA CYS A 96 1.94 -7.75 4.58
C CYS A 96 1.44 -7.45 3.19
N VAL A 97 0.16 -7.72 2.94
CA VAL A 97 -0.51 -7.29 1.72
C VAL A 97 -1.56 -6.27 2.11
N GLN A 98 -1.54 -5.13 1.43
CA GLN A 98 -2.45 -4.03 1.72
C GLN A 98 -3.33 -3.90 0.49
N LYS A 99 -4.48 -4.56 0.55
CA LYS A 99 -5.40 -4.61 -0.57
C LYS A 99 -6.16 -3.29 -0.65
N GLY A 100 -6.16 -2.69 -1.84
CA GLY A 100 -6.98 -1.55 -2.13
C GLY A 100 -6.76 -1.00 -3.52
N GLU A 101 -6.85 0.31 -3.60
CA GLU A 101 -6.78 1.05 -4.84
C GLU A 101 -5.41 0.89 -5.52
N VAL A 102 -4.33 0.81 -4.74
CA VAL A 102 -2.98 0.75 -5.28
C VAL A 102 -2.60 -0.72 -5.50
N PRO A 103 -2.26 -1.13 -6.70
CA PRO A 103 -1.89 -2.54 -6.90
C PRO A 103 -0.50 -2.84 -6.36
N ASN A 104 -0.31 -4.08 -5.95
CA ASN A 104 1.00 -4.57 -5.54
C ASN A 104 1.54 -3.86 -4.30
N ARG A 105 0.65 -3.45 -3.40
CA ARG A 105 0.99 -2.68 -2.21
C ARG A 105 1.18 -3.60 -1.02
N GLY A 106 2.34 -3.50 -0.37
CA GLY A 106 2.55 -4.22 0.87
C GLY A 106 3.99 -4.05 1.32
N TRP A 107 4.41 -4.90 2.24
CA TRP A 107 5.79 -4.82 2.70
C TRP A 107 6.22 -6.16 3.29
N ARG A 108 7.53 -6.31 3.48
CA ARG A 108 8.17 -7.48 4.07
C ARG A 108 9.18 -7.04 5.11
N HIS A 109 9.11 -7.63 6.29
CA HIS A 109 10.16 -7.52 7.30
C HIS A 109 10.90 -8.86 7.36
N TRP A 110 12.20 -8.80 7.58
CA TRP A 110 12.91 -9.97 8.08
C TRP A 110 14.09 -9.50 8.92
N LEU A 111 14.49 -10.35 9.85
CA LEU A 111 15.47 -10.04 10.87
C LEU A 111 16.70 -10.90 10.65
N GLU A 112 17.88 -10.29 10.76
CA GLU A 112 19.14 -11.01 10.60
C GLU A 112 20.10 -10.44 11.65
N GLY A 113 20.11 -11.04 12.84
CA GLY A 113 20.90 -10.48 13.91
C GLY A 113 20.36 -9.13 14.40
N GLU A 114 21.19 -8.08 14.35
CA GLU A 114 20.71 -6.75 14.74
C GLU A 114 20.00 -6.04 13.62
N MET A 115 20.01 -6.61 12.41
CA MET A 115 19.54 -5.94 11.20
C MET A 115 18.10 -6.29 10.90
N LEU A 116 17.25 -5.27 10.87
CA LEU A 116 15.85 -5.43 10.47
C LEU A 116 15.72 -4.89 9.06
N TYR A 117 15.45 -5.78 8.11
CA TYR A 117 15.22 -5.37 6.74
C TYR A 117 13.74 -5.15 6.49
N LEU A 118 13.46 -4.20 5.61
CA LEU A 118 12.12 -3.86 5.21
C LEU A 118 12.10 -3.58 3.73
N GLU A 119 11.25 -4.30 3.03
CA GLU A 119 10.97 -4.05 1.62
C GLU A 119 9.56 -3.53 1.58
N LEU A 120 9.35 -2.36 1.01
CA LEU A 120 8.05 -1.77 0.78
C LEU A 120 7.80 -1.76 -0.72
N THR A 121 6.59 -2.16 -1.15
CA THR A 121 6.22 -2.19 -2.56
C THR A 121 4.91 -1.45 -2.80
N ALA A 122 4.82 -0.82 -3.97
CA ALA A 122 3.58 -0.20 -4.43
C ALA A 122 3.71 -0.04 -5.94
N ARG A 123 2.70 -0.49 -6.70
CA ARG A 123 2.76 -0.54 -8.16
C ARG A 123 4.07 -1.20 -8.62
N ASP A 124 4.85 -0.49 -9.45
CA ASP A 124 6.14 -0.95 -9.93
C ASP A 124 7.31 -0.65 -9.00
N ALA A 125 7.08 -0.02 -7.84
CA ALA A 125 8.19 0.51 -7.05
C ALA A 125 8.54 -0.44 -5.91
N VAL A 126 9.85 -0.52 -5.63
CA VAL A 126 10.38 -1.30 -4.51
C VAL A 126 11.36 -0.43 -3.71
N CYS A 127 11.06 -0.24 -2.43
CA CYS A 127 11.95 0.47 -1.50
C CYS A 127 12.58 -0.51 -0.52
N GLU A 128 13.86 -0.35 -0.25
CA GLU A 128 14.50 -1.16 0.78
C GLU A 128 14.97 -0.24 1.91
N GLN A 129 14.62 -0.59 3.14
CA GLN A 129 15.09 0.10 4.33
C GLN A 129 15.78 -0.89 5.25
N VAL A 130 16.76 -0.40 6.01
CA VAL A 130 17.45 -1.22 6.99
C VAL A 130 17.54 -0.44 8.29
N PHE A 131 17.40 -1.17 9.40
CA PHE A 131 17.40 -0.65 10.75
C PHE A 131 18.27 -1.56 11.60
N ARG A 132 18.80 -1.01 12.68
CA ARG A 132 19.66 -1.77 13.58
C ARG A 132 19.04 -1.80 14.96
N LYS A 133 18.95 -2.99 15.51
CA LYS A 133 18.39 -3.15 16.84
C LYS A 133 19.41 -2.69 17.86
N VAL A 134 18.88 -2.14 18.95
CA VAL A 134 19.68 -1.57 20.03
C VAL A 134 19.89 -2.62 21.13
N ARG A 135 21.16 -2.88 21.45
CA ARG A 135 21.66 -3.72 22.56
C ARG A 135 22.18 -5.06 22.02
N PRO B 3 -11.17 43.39 17.17
CA PRO B 3 -10.69 42.66 15.98
C PRO B 3 -10.96 41.17 16.07
N ASN B 4 -11.82 40.59 15.24
CA ASN B 4 -12.05 39.16 15.29
C ASN B 4 -11.14 38.50 14.25
N LEU B 5 -10.43 37.47 14.68
CA LEU B 5 -9.35 36.88 13.90
C LEU B 5 -9.75 35.56 13.25
N THR B 6 -10.98 35.09 13.48
CA THR B 6 -11.45 33.85 12.88
C THR B 6 -11.16 33.83 11.38
N GLY B 7 -10.62 32.72 10.92
CA GLY B 7 -10.34 32.58 9.51
C GLY B 7 -9.38 31.44 9.27
N TYR B 8 -9.22 31.11 8.00
CA TYR B 8 -8.19 30.21 7.55
C TYR B 8 -7.21 31.06 6.78
N TYR B 9 -5.94 30.98 7.15
CA TYR B 9 -4.93 31.87 6.63
C TYR B 9 -3.85 31.02 6.02
N ARG B 10 -3.45 31.40 4.83
CA ARG B 10 -2.62 30.57 3.99
C ARG B 10 -1.22 31.15 4.01
N PHE B 11 -0.23 30.28 4.15
CA PHE B 11 1.15 30.74 4.16
C PHE B 11 1.43 31.66 2.99
N VAL B 12 2.19 32.72 3.25
CA VAL B 12 2.68 33.61 2.21
C VAL B 12 4.19 33.66 2.26
N SER B 13 4.77 34.01 3.40
CA SER B 13 6.21 34.13 3.46
C SER B 13 6.73 34.12 4.90
N GLN B 14 8.03 33.87 5.01
CA GLN B 14 8.69 33.90 6.28
C GLN B 14 10.11 34.42 6.09
N LYS B 15 10.65 34.96 7.18
CA LYS B 15 11.97 35.58 7.19
C LYS B 15 12.62 35.30 8.54
N ASN B 16 13.86 34.83 8.51
CA ASN B 16 14.66 34.55 9.70
C ASN B 16 14.02 33.47 10.55
N MET B 17 13.29 32.54 9.95
CA MET B 17 12.76 31.45 10.74
C MET B 17 13.89 30.64 11.36
N GLU B 18 15.01 30.46 10.64
CA GLU B 18 16.12 29.70 11.22
C GLU B 18 16.66 30.36 12.50
N ASP B 19 16.79 31.70 12.52
CA ASP B 19 17.26 32.34 13.73
C ASP B 19 16.39 31.96 14.91
N TYR B 20 15.07 31.98 14.71
CA TYR B 20 14.15 31.65 15.77
C TYR B 20 14.30 30.20 16.20
N LEU B 21 14.44 29.29 15.22
CA LEU B 21 14.61 27.88 15.57
C LEU B 21 15.93 27.65 16.29
N GLN B 22 16.99 28.33 15.85
CA GLN B 22 18.26 28.24 16.56
C GLN B 22 18.14 28.72 18.00
N ALA B 23 17.38 29.80 18.22
CA ALA B 23 17.26 30.37 19.55
C ALA B 23 16.51 29.44 20.51
N LEU B 24 15.68 28.55 19.98
CA LEU B 24 15.01 27.55 20.81
C LEU B 24 15.80 26.26 20.91
N ASN B 25 17.04 26.25 20.40
CA ASN B 25 17.96 25.14 20.60
C ASN B 25 17.54 23.90 19.81
N ILE B 26 16.82 24.12 18.73
CA ILE B 26 16.43 23.03 17.84
C ILE B 26 17.64 22.68 16.98
N SER B 27 17.94 21.38 16.91
CA SER B 27 19.13 20.85 16.26
C SER B 27 19.12 21.10 14.75
N LEU B 28 20.31 20.99 14.15
CA LEU B 28 20.46 21.28 12.74
C LEU B 28 19.58 20.42 11.86
N ALA B 29 19.53 19.12 12.13
CA ALA B 29 18.76 18.24 11.26
C ALA B 29 17.28 18.60 11.35
N VAL B 30 16.81 18.94 12.53
CA VAL B 30 15.38 19.22 12.67
C VAL B 30 15.01 20.56 12.06
N ARG B 31 15.88 21.57 12.16
CA ARG B 31 15.43 22.84 11.58
C ARG B 31 15.64 22.86 10.07
N LYS B 32 16.51 21.99 9.55
CA LYS B 32 16.61 21.80 8.10
C LYS B 32 15.28 21.37 7.52
N ILE B 33 14.56 20.50 8.21
CA ILE B 33 13.27 20.07 7.68
C ILE B 33 12.21 21.12 7.96
N ALA B 34 12.27 21.71 9.16
CA ALA B 34 11.26 22.67 9.57
C ALA B 34 11.23 23.87 8.64
N LEU B 35 12.36 24.27 8.09
CA LEU B 35 12.38 25.41 7.18
C LEU B 35 11.64 25.13 5.89
N LEU B 36 11.37 23.86 5.59
CA LEU B 36 10.65 23.51 4.38
C LEU B 36 9.16 23.51 4.56
N LEU B 37 8.69 23.45 5.80
CA LEU B 37 7.27 23.54 6.05
C LEU B 37 6.79 24.95 5.74
N LYS B 38 5.55 25.06 5.31
CA LYS B 38 4.96 26.34 4.96
C LYS B 38 3.57 26.30 5.53
N PRO B 39 3.46 26.43 6.84
CA PRO B 39 2.20 26.16 7.53
C PRO B 39 1.19 27.28 7.34
N ASP B 40 -0.06 26.87 7.47
CA ASP B 40 -1.22 27.73 7.48
C ASP B 40 -1.65 27.98 8.92
N LYS B 41 -2.50 28.98 9.10
CA LYS B 41 -3.06 29.27 10.40
C LYS B 41 -4.56 29.18 10.30
N GLU B 42 -5.16 28.40 11.18
CA GLU B 42 -6.60 28.39 11.35
C GLU B 42 -6.92 28.96 12.74
N ILE B 43 -7.76 29.98 12.80
CA ILE B 43 -8.10 30.62 14.06
C ILE B 43 -9.61 30.53 14.27
N GLU B 44 -10.02 30.12 15.46
CA GLU B 44 -11.41 30.22 15.90
C GLU B 44 -11.44 31.20 17.06
N HIS B 45 -12.14 32.31 16.89
CA HIS B 45 -12.12 33.40 17.86
C HIS B 45 -13.57 33.74 18.23
N GLN B 46 -14.01 33.20 19.36
CA GLN B 46 -15.38 33.33 19.84
C GLN B 46 -15.36 34.07 21.17
N GLY B 47 -15.78 35.32 21.17
CA GLY B 47 -15.70 36.07 22.40
C GLY B 47 -14.25 36.34 22.72
N ASN B 48 -13.82 36.00 23.93
CA ASN B 48 -12.41 36.14 24.24
C ASN B 48 -11.73 34.78 24.40
N HIS B 49 -12.31 33.73 23.80
CA HIS B 49 -11.61 32.46 23.63
C HIS B 49 -11.05 32.40 22.22
N MET B 50 -9.80 31.98 22.10
CA MET B 50 -9.23 31.68 20.79
C MET B 50 -8.61 30.29 20.81
N THR B 51 -8.77 29.60 19.69
CA THR B 51 -7.97 28.44 19.30
C THR B 51 -7.14 28.86 18.11
N VAL B 52 -5.85 28.59 18.16
CA VAL B 52 -4.94 28.86 17.04
C VAL B 52 -4.27 27.55 16.63
N ARG B 53 -4.42 27.20 15.37
CA ARG B 53 -3.81 26.01 14.80
C ARG B 53 -2.78 26.43 13.78
N THR B 54 -1.58 25.91 13.92
CA THR B 54 -0.61 25.92 12.86
C THR B 54 -0.64 24.56 12.16
N LEU B 55 -0.94 24.57 10.86
CA LEU B 55 -1.24 23.36 10.09
C LEU B 55 -0.20 23.23 8.99
N SER B 56 0.45 22.08 8.94
CA SER B 56 1.38 21.78 7.86
C SER B 56 1.18 20.31 7.46
N THR B 57 1.73 19.95 6.31
CA THR B 57 1.62 18.57 5.86
C THR B 57 2.12 17.56 6.91
N PHE B 58 3.07 17.94 7.75
CA PHE B 58 3.67 16.97 8.67
C PHE B 58 3.35 17.20 10.14
N ARG B 59 3.38 18.42 10.63
CA ARG B 59 3.14 18.64 12.04
C ARG B 59 2.08 19.71 12.20
N ASN B 60 1.15 19.46 13.10
CA ASN B 60 0.28 20.49 13.60
C ASN B 60 0.68 20.92 15.00
N TYR B 61 0.44 22.19 15.31
CA TYR B 61 0.56 22.69 16.67
C TYR B 61 -0.67 23.53 16.97
N THR B 62 -1.36 23.18 18.05
CA THR B 62 -2.55 23.90 18.45
C THR B 62 -2.38 24.47 19.86
N VAL B 63 -2.86 25.69 20.05
CA VAL B 63 -2.94 26.31 21.36
C VAL B 63 -4.32 26.92 21.51
N GLN B 64 -4.90 26.77 22.70
CA GLN B 64 -6.16 27.40 23.09
C GLN B 64 -5.96 28.28 24.32
N PHE B 65 -6.67 29.39 24.39
CA PHE B 65 -6.52 30.27 25.55
C PHE B 65 -7.70 31.22 25.64
N ASP B 66 -7.89 31.77 26.84
CA ASP B 66 -8.67 33.00 27.03
C ASP B 66 -7.70 34.18 27.08
N VAL B 67 -8.05 35.28 26.40
CA VAL B 67 -7.17 36.43 26.47
C VAL B 67 -7.12 36.92 27.90
N GLY B 68 -5.91 37.14 28.37
CA GLY B 68 -5.74 37.62 29.72
C GLY B 68 -5.65 36.58 30.82
N VAL B 69 -5.79 35.29 30.51
CA VAL B 69 -5.68 34.23 31.52
C VAL B 69 -4.47 33.42 31.19
N GLU B 70 -3.53 33.36 32.13
CA GLU B 70 -2.30 32.60 31.97
C GLU B 70 -2.65 31.12 31.92
N PHE B 71 -1.90 30.38 31.12
CA PHE B 71 -2.11 28.96 31.01
C PHE B 71 -0.75 28.32 30.79
N GLU B 72 -0.67 27.03 31.14
CA GLU B 72 0.52 26.26 30.84
C GLU B 72 0.41 25.75 29.41
N GLU B 73 1.40 26.11 28.59
CA GLU B 73 1.43 25.78 27.17
C GLU B 73 2.44 24.66 26.95
N ASP B 74 1.95 23.52 26.45
CA ASP B 74 2.81 22.35 26.22
C ASP B 74 3.45 22.50 24.84
N LEU B 75 4.70 22.97 24.84
CA LEU B 75 5.49 23.19 23.65
C LEU B 75 6.52 22.10 23.47
N ARG B 76 6.30 20.96 24.11
CA ARG B 76 7.25 19.87 24.02
C ARG B 76 7.34 19.33 22.60
N SER B 77 6.23 19.31 21.89
CA SER B 77 6.33 18.90 20.49
C SER B 77 7.06 19.89 19.62
N VAL B 78 7.43 21.05 20.13
CA VAL B 78 8.15 22.01 19.32
C VAL B 78 9.62 22.01 19.72
N ASP B 79 9.89 22.39 20.97
CA ASP B 79 11.26 22.52 21.42
C ASP B 79 11.52 21.78 22.74
N GLY B 80 10.57 20.99 23.20
CA GLY B 80 10.75 20.21 24.40
C GLY B 80 10.38 20.88 25.70
N ARG B 81 9.82 22.07 25.66
CA ARG B 81 9.62 22.87 26.85
C ARG B 81 8.15 23.09 27.15
N LYS B 82 7.89 23.43 28.41
CA LYS B 82 6.61 23.98 28.78
C LYS B 82 6.82 25.44 29.14
N CYS B 83 5.79 26.24 28.95
CA CYS B 83 5.86 27.66 29.27
C CYS B 83 4.61 28.07 30.02
N GLN B 84 4.77 29.05 30.90
CA GLN B 84 3.60 29.72 31.47
C GLN B 84 3.32 30.90 30.56
N THR B 85 2.17 30.91 29.95
CA THR B 85 1.89 31.77 28.81
C THR B 85 0.66 32.65 29.00
N ILE B 86 0.76 33.87 28.51
CA ILE B 86 -0.33 34.83 28.63
C ILE B 86 -0.48 35.55 27.30
N VAL B 87 -1.72 35.72 26.84
CA VAL B 87 -2.05 36.43 25.61
C VAL B 87 -2.92 37.65 25.92
N THR B 88 -2.59 38.78 25.29
CA THR B 88 -3.22 40.04 25.59
C THR B 88 -3.49 40.79 24.29
N TRP B 89 -4.45 41.69 24.34
CA TRP B 89 -4.66 42.66 23.29
C TRP B 89 -3.93 43.94 23.67
N GLU B 90 -3.01 44.39 22.83
CA GLU B 90 -2.28 45.65 23.03
C GLU B 90 -2.51 46.47 21.77
N GLU B 91 -3.55 47.29 21.83
CA GLU B 91 -4.04 48.01 20.67
C GLU B 91 -4.63 46.97 19.73
N GLU B 92 -4.19 46.88 18.49
CA GLU B 92 -4.77 45.86 17.63
C GLU B 92 -3.84 44.66 17.47
N HIS B 93 -2.76 44.65 18.23
CA HIS B 93 -1.83 43.55 18.25
C HIS B 93 -2.21 42.55 19.34
N LEU B 94 -2.20 41.28 18.97
CA LEU B 94 -2.37 40.18 19.90
C LEU B 94 -0.98 39.74 20.36
N VAL B 95 -0.71 39.88 21.63
CA VAL B 95 0.64 39.77 22.14
C VAL B 95 0.73 38.58 23.07
N CYS B 96 1.71 37.74 22.85
CA CYS B 96 1.92 36.55 23.64
C CYS B 96 3.30 36.60 24.25
N VAL B 97 3.37 36.44 25.57
CA VAL B 97 4.64 36.22 26.25
C VAL B 97 4.61 34.82 26.83
N GLN B 98 5.68 34.06 26.57
CA GLN B 98 5.81 32.66 26.99
C GLN B 98 6.95 32.58 28.02
N LYS B 99 6.59 32.65 29.30
CA LYS B 99 7.61 32.65 30.35
C LYS B 99 8.19 31.25 30.54
N GLY B 100 9.51 31.19 30.67
CA GLY B 100 10.19 29.96 31.01
C GLY B 100 11.67 30.11 30.82
N GLU B 101 12.29 29.01 30.41
CA GLU B 101 13.74 28.93 30.34
C GLU B 101 14.31 29.94 29.33
N VAL B 102 13.60 30.15 28.22
CA VAL B 102 14.13 30.92 27.10
C VAL B 102 13.74 32.39 27.33
N PRO B 103 14.70 33.30 27.36
CA PRO B 103 14.33 34.72 27.52
C PRO B 103 13.77 35.29 26.24
N ASN B 104 12.90 36.28 26.41
CA ASN B 104 12.34 37.07 25.32
C ASN B 104 11.49 36.25 24.33
N ARG B 105 10.82 35.21 24.84
CA ARG B 105 10.06 34.28 24.01
C ARG B 105 8.61 34.72 23.90
N GLY B 106 8.12 34.86 22.68
CA GLY B 106 6.71 35.14 22.49
C GLY B 106 6.39 35.42 21.05
N TRP B 107 5.22 35.99 20.82
CA TRP B 107 4.87 36.32 19.45
C TRP B 107 3.84 37.43 19.43
N ARG B 108 3.68 38.03 18.25
CA ARG B 108 2.70 39.09 18.00
C ARG B 108 1.98 38.79 16.71
N HIS B 109 0.65 38.84 16.76
CA HIS B 109 -0.17 38.82 15.57
C HIS B 109 -0.79 40.20 15.36
N TRP B 110 -0.84 40.65 14.12
CA TRP B 110 -1.74 41.74 13.79
C TRP B 110 -2.33 41.53 12.40
N LEU B 111 -3.51 42.08 12.22
CA LEU B 111 -4.27 41.89 11.00
C LEU B 111 -4.34 43.22 10.26
N GLU B 112 -4.16 43.15 8.95
CA GLU B 112 -4.22 44.31 8.08
C GLU B 112 -4.98 43.82 6.85
N GLY B 113 -6.31 43.93 6.91
CA GLY B 113 -7.11 43.44 5.81
C GLY B 113 -7.00 41.93 5.68
N GLU B 114 -6.57 41.42 4.53
CA GLU B 114 -6.40 39.99 4.41
C GLU B 114 -5.08 39.48 4.94
N MET B 115 -4.14 40.35 5.30
CA MET B 115 -2.81 39.88 5.66
C MET B 115 -2.75 39.69 7.17
N LEU B 116 -2.42 38.46 7.60
CA LEU B 116 -2.16 38.16 8.99
C LEU B 116 -0.65 38.16 9.15
N TYR B 117 -0.14 39.10 9.94
CA TYR B 117 1.29 39.14 10.26
C TYR B 117 1.55 38.44 11.58
N LEU B 118 2.73 37.83 11.66
CA LEU B 118 3.19 37.16 12.85
C LEU B 118 4.67 37.44 13.05
N GLU B 119 4.98 37.94 14.24
CA GLU B 119 6.35 38.09 14.68
C GLU B 119 6.59 37.11 15.83
N LEU B 120 7.61 36.27 15.68
CA LEU B 120 8.04 35.33 16.69
C LEU B 120 9.40 35.75 17.23
N THR B 121 9.56 35.72 18.55
CA THR B 121 10.82 36.11 19.18
C THR B 121 11.29 35.05 20.16
N ALA B 122 12.60 34.91 20.24
CA ALA B 122 13.29 34.09 21.22
C ALA B 122 14.73 34.56 21.28
N ARG B 123 15.22 34.80 22.50
CA ARG B 123 16.55 35.34 22.74
C ARG B 123 16.70 36.60 21.89
N ASP B 124 17.74 36.69 21.06
CA ASP B 124 18.03 37.76 20.13
C ASP B 124 17.37 37.59 18.78
N ALA B 125 16.53 36.55 18.57
CA ALA B 125 16.01 36.23 17.24
C ALA B 125 14.63 36.80 17.00
N VAL B 126 14.39 37.28 15.79
CA VAL B 126 13.08 37.78 15.38
C VAL B 126 12.71 37.15 14.04
N CYS B 127 11.62 36.38 14.02
CA CYS B 127 11.10 35.81 12.78
C CYS B 127 9.81 36.53 12.37
N GLU B 128 9.70 36.91 11.10
CA GLU B 128 8.43 37.45 10.61
C GLU B 128 7.79 36.47 9.63
N GLN B 129 6.53 36.14 9.88
CA GLN B 129 5.75 35.33 8.98
C GLN B 129 4.53 36.11 8.52
N VAL B 130 4.07 35.80 7.31
CA VAL B 130 2.90 36.43 6.74
C VAL B 130 1.99 35.36 6.19
N PHE B 131 0.69 35.57 6.39
CA PHE B 131 -0.37 34.69 5.96
C PHE B 131 -1.49 35.52 5.36
N ARG B 132 -2.28 34.89 4.49
CA ARG B 132 -3.34 35.56 3.74
C ARG B 132 -4.68 34.88 4.00
N LYS B 133 -5.62 35.64 4.51
CA LYS B 133 -6.94 35.09 4.79
C LYS B 133 -7.60 34.67 3.49
N VAL B 134 -8.37 33.59 3.59
CA VAL B 134 -9.12 33.07 2.46
C VAL B 134 -10.53 33.63 2.57
N ARG B 135 -11.02 34.21 1.48
CA ARG B 135 -12.39 34.71 1.41
C ARG B 135 -13.38 33.68 1.96
N PRO C 3 2.21 -13.43 -41.65
CA PRO C 3 2.91 -12.13 -41.51
C PRO C 3 4.04 -12.20 -40.50
N ASN C 4 5.28 -12.05 -40.95
CA ASN C 4 6.41 -12.14 -40.06
C ASN C 4 6.79 -10.74 -39.60
N LEU C 5 6.93 -10.58 -38.29
CA LEU C 5 7.14 -9.29 -37.66
C LEU C 5 8.56 -9.09 -37.17
N THR C 6 9.45 -10.06 -37.38
CA THR C 6 10.84 -9.91 -36.94
C THR C 6 11.45 -8.60 -37.40
N GLY C 7 12.09 -7.89 -36.48
CA GLY C 7 12.79 -6.68 -36.86
C GLY C 7 13.11 -5.84 -35.65
N TYR C 8 13.89 -4.79 -35.91
CA TYR C 8 14.10 -3.70 -34.97
C TYR C 8 13.35 -2.49 -35.52
N TYR C 9 12.53 -1.87 -34.68
CA TYR C 9 11.68 -0.77 -35.12
C TYR C 9 11.91 0.46 -34.25
N ARG C 10 12.08 1.62 -34.86
CA ARG C 10 12.43 2.84 -34.16
C ARG C 10 11.21 3.70 -33.98
N PHE C 11 11.04 4.21 -32.77
CA PHE C 11 9.96 5.10 -32.46
C PHE C 11 9.90 6.24 -33.46
N VAL C 12 8.69 6.59 -33.86
CA VAL C 12 8.42 7.70 -34.77
C VAL C 12 7.52 8.70 -34.04
N SER C 13 6.34 8.27 -33.62
CA SER C 13 5.43 9.19 -32.94
C SER C 13 4.36 8.41 -32.19
N GLN C 14 3.63 9.14 -31.33
CA GLN C 14 2.55 8.59 -30.56
C GLN C 14 1.48 9.64 -30.34
N LYS C 15 0.28 9.18 -29.97
CA LYS C 15 -0.84 10.04 -29.65
C LYS C 15 -1.66 9.43 -28.51
N ASN C 16 -2.01 10.26 -27.52
CA ASN C 16 -2.85 9.89 -26.38
C ASN C 16 -2.19 8.87 -25.45
N MET C 17 -0.86 8.88 -25.38
CA MET C 17 -0.18 8.06 -24.39
C MET C 17 -0.54 8.47 -22.96
N GLU C 18 -0.74 9.76 -22.68
CA GLU C 18 -1.12 10.12 -21.31
C GLU C 18 -2.42 9.42 -20.90
N ASP C 19 -3.40 9.38 -21.79
CA ASP C 19 -4.68 8.73 -21.50
C ASP C 19 -4.49 7.28 -21.08
N TYR C 20 -3.65 6.54 -21.84
CA TYR C 20 -3.41 5.13 -21.53
C TYR C 20 -2.71 4.95 -20.18
N LEU C 21 -1.68 5.78 -19.93
CA LEU C 21 -0.96 5.70 -18.67
C LEU C 21 -1.87 6.04 -17.50
N GLN C 22 -2.76 7.01 -17.66
CA GLN C 22 -3.74 7.27 -16.62
C GLN C 22 -4.63 6.07 -16.39
N ALA C 23 -5.07 5.40 -17.48
CA ALA C 23 -5.98 4.27 -17.34
C ALA C 23 -5.31 3.11 -16.61
N LEU C 24 -3.97 3.04 -16.64
CA LEU C 24 -3.25 2.06 -15.84
C LEU C 24 -2.87 2.57 -14.48
N ASN C 25 -3.29 3.78 -14.10
CA ASN C 25 -3.12 4.27 -12.74
C ASN C 25 -1.65 4.51 -12.41
N ILE C 26 -0.90 4.82 -13.44
CA ILE C 26 0.51 5.13 -13.28
C ILE C 26 0.62 6.54 -12.76
N SER C 27 1.45 6.69 -11.73
CA SER C 27 1.50 7.92 -10.98
C SER C 27 1.99 9.07 -11.85
N LEU C 28 1.55 10.28 -11.49
CA LEU C 28 1.88 11.47 -12.25
C LEU C 28 3.40 11.63 -12.38
N ALA C 29 4.16 11.26 -11.34
CA ALA C 29 5.60 11.43 -11.42
C ALA C 29 6.18 10.53 -12.50
N VAL C 30 5.63 9.34 -12.63
CA VAL C 30 6.16 8.44 -13.64
C VAL C 30 5.67 8.82 -15.03
N ARG C 31 4.49 9.47 -15.15
CA ARG C 31 4.00 9.84 -16.47
C ARG C 31 4.76 11.02 -17.04
N LYS C 32 5.22 11.90 -16.16
CA LYS C 32 6.09 12.99 -16.58
C LYS C 32 7.30 12.44 -17.33
N ILE C 33 7.91 11.37 -16.81
CA ILE C 33 9.06 10.74 -17.44
C ILE C 33 8.63 9.93 -18.67
N ALA C 34 7.58 9.14 -18.52
CA ALA C 34 7.25 8.18 -19.56
C ALA C 34 6.87 8.85 -20.88
N LEU C 35 6.22 10.02 -20.80
CA LEU C 35 5.77 10.73 -22.00
C LEU C 35 6.91 11.28 -22.83
N LEU C 36 8.10 11.45 -22.26
CA LEU C 36 9.29 11.90 -22.99
C LEU C 36 10.03 10.76 -23.66
N LEU C 37 9.73 9.53 -23.27
CA LEU C 37 10.39 8.37 -23.83
C LEU C 37 10.05 8.17 -25.30
N LYS C 38 11.00 7.54 -25.99
CA LYS C 38 10.91 7.24 -27.41
C LYS C 38 11.40 5.82 -27.51
N PRO C 39 10.57 4.85 -27.12
CA PRO C 39 11.02 3.45 -27.02
C PRO C 39 11.10 2.79 -28.38
N ASP C 40 12.02 1.83 -28.50
CA ASP C 40 12.10 1.01 -29.70
C ASP C 40 11.43 -0.36 -29.47
N LYS C 41 11.14 -1.06 -30.57
CA LYS C 41 10.60 -2.43 -30.53
C LYS C 41 11.56 -3.36 -31.24
N GLU C 42 11.95 -4.45 -30.59
CA GLU C 42 12.64 -5.55 -31.26
C GLU C 42 11.75 -6.76 -31.13
N ILE C 43 11.44 -7.38 -32.24
CA ILE C 43 10.55 -8.53 -32.30
C ILE C 43 11.31 -9.69 -32.91
N GLU C 44 11.27 -10.82 -32.23
CA GLU C 44 11.77 -12.11 -32.72
C GLU C 44 10.58 -13.02 -32.88
N HIS C 45 10.34 -13.48 -34.11
CA HIS C 45 9.13 -14.20 -34.51
C HIS C 45 9.52 -15.45 -35.29
N GLN C 46 9.51 -16.59 -34.63
CA GLN C 46 10.02 -17.83 -35.19
C GLN C 46 8.92 -18.87 -35.10
N GLY C 47 8.17 -19.05 -36.19
CA GLY C 47 7.04 -19.95 -36.16
C GLY C 47 5.86 -19.28 -35.49
N ASN C 48 5.31 -19.89 -34.44
CA ASN C 48 4.27 -19.23 -33.68
C ASN C 48 4.76 -18.81 -32.28
N HIS C 49 6.07 -18.73 -32.08
CA HIS C 49 6.64 -18.14 -30.89
C HIS C 49 7.06 -16.69 -31.19
N MET C 50 6.71 -15.76 -30.31
CA MET C 50 7.21 -14.40 -30.46
C MET C 50 7.76 -13.90 -29.15
N THR C 51 8.83 -13.15 -29.27
CA THR C 51 9.31 -12.28 -28.20
C THR C 51 9.17 -10.85 -28.68
N VAL C 52 8.60 -10.00 -27.82
CA VAL C 52 8.48 -8.56 -28.10
C VAL C 52 9.18 -7.81 -26.99
N ARG C 53 10.23 -7.08 -27.36
CA ARG C 53 11.00 -6.27 -26.43
C ARG C 53 10.71 -4.80 -26.67
N THR C 54 10.22 -4.13 -25.64
CA THR C 54 10.07 -2.70 -25.61
C THR C 54 11.29 -2.11 -24.90
N LEU C 55 12.03 -1.23 -25.58
CA LEU C 55 13.35 -0.78 -25.12
C LEU C 55 13.38 0.73 -24.87
N SER C 56 13.78 1.13 -23.68
CA SER C 56 14.02 2.55 -23.46
C SER C 56 15.15 2.77 -22.45
N THR C 57 15.67 3.99 -22.43
CA THR C 57 16.67 4.37 -21.43
C THR C 57 16.13 4.19 -20.03
N PHE C 58 14.84 4.46 -19.85
CA PHE C 58 14.21 4.36 -18.53
C PHE C 58 13.99 2.91 -18.10
N ARG C 59 13.60 2.04 -19.02
CA ARG C 59 13.19 0.72 -18.60
C ARG C 59 12.93 -0.15 -19.82
N ASN C 60 13.20 -1.44 -19.73
CA ASN C 60 12.85 -2.37 -20.80
C ASN C 60 11.70 -3.27 -20.33
N TYR C 61 10.84 -3.66 -21.26
CA TYR C 61 9.81 -4.66 -20.97
C TYR C 61 9.81 -5.70 -22.09
N THR C 62 9.88 -6.98 -21.71
CA THR C 62 9.90 -8.11 -22.63
C THR C 62 8.73 -9.05 -22.31
N VAL C 63 8.05 -9.50 -23.35
CA VAL C 63 7.00 -10.49 -23.21
C VAL C 63 7.23 -11.57 -24.27
N GLN C 64 7.09 -12.84 -23.86
CA GLN C 64 7.18 -14.00 -24.77
C GLN C 64 5.87 -14.75 -24.79
N PHE C 65 5.55 -15.31 -25.94
CA PHE C 65 4.29 -16.04 -26.04
C PHE C 65 4.28 -16.91 -27.29
N ASP C 66 3.43 -17.94 -27.26
CA ASP C 66 2.96 -18.64 -28.46
C ASP C 66 1.59 -18.10 -28.83
N VAL C 67 1.37 -17.78 -30.12
CA VAL C 67 0.07 -17.26 -30.53
C VAL C 67 -0.99 -18.31 -30.26
N GLY C 68 -2.09 -17.86 -29.65
CA GLY C 68 -3.19 -18.71 -29.36
C GLY C 68 -3.11 -19.47 -28.05
N VAL C 69 -2.03 -19.30 -27.27
CA VAL C 69 -1.88 -19.99 -25.99
C VAL C 69 -1.92 -18.97 -24.85
N GLU C 70 -2.90 -19.10 -23.96
CA GLU C 70 -3.03 -18.17 -22.85
C GLU C 70 -1.87 -18.34 -21.87
N PHE C 71 -1.40 -17.22 -21.33
CA PHE C 71 -0.29 -17.27 -20.40
C PHE C 71 -0.49 -16.19 -19.36
N GLU C 72 0.17 -16.38 -18.20
CA GLU C 72 0.19 -15.36 -17.16
C GLU C 72 1.28 -14.35 -17.47
N GLU C 73 0.88 -13.09 -17.59
CA GLU C 73 1.80 -12.01 -17.94
C GLU C 73 2.05 -11.15 -16.71
N ASP C 74 3.33 -11.06 -16.34
CA ASP C 74 3.76 -10.31 -15.18
C ASP C 74 4.11 -8.89 -15.61
N LEU C 75 3.20 -7.96 -15.31
CA LEU C 75 3.36 -6.55 -15.60
C LEU C 75 3.71 -5.74 -14.34
N ARG C 76 4.27 -6.39 -13.32
CA ARG C 76 4.52 -5.65 -12.08
C ARG C 76 5.54 -4.55 -12.29
N SER C 77 6.51 -4.78 -13.19
CA SER C 77 7.46 -3.75 -13.58
C SER C 77 6.85 -2.59 -14.40
N VAL C 78 5.58 -2.68 -14.79
CA VAL C 78 4.90 -1.61 -15.52
C VAL C 78 3.91 -0.88 -14.61
N ASP C 79 2.86 -1.57 -14.14
CA ASP C 79 1.80 -0.94 -13.37
C ASP C 79 1.50 -1.67 -12.09
N GLY C 80 2.29 -2.70 -11.75
CA GLY C 80 2.10 -3.48 -10.54
C GLY C 80 1.16 -4.65 -10.64
N ARG C 81 0.65 -4.98 -11.83
CA ARG C 81 -0.41 -5.98 -11.96
C ARG C 81 0.06 -7.21 -12.72
N LYS C 82 -0.67 -8.32 -12.52
CA LYS C 82 -0.52 -9.54 -13.30
C LYS C 82 -1.78 -9.77 -14.12
N CYS C 83 -1.61 -10.37 -15.30
CA CYS C 83 -2.69 -10.57 -16.25
C CYS C 83 -2.69 -11.97 -16.85
N GLN C 84 -3.86 -12.42 -17.25
CA GLN C 84 -3.97 -13.63 -18.06
C GLN C 84 -4.03 -13.18 -19.51
N THR C 85 -3.06 -13.56 -20.30
CA THR C 85 -2.92 -12.93 -21.59
C THR C 85 -2.98 -13.95 -22.72
N ILE C 86 -3.61 -13.53 -23.81
CA ILE C 86 -3.74 -14.35 -25.01
C ILE C 86 -3.44 -13.44 -26.20
N VAL C 87 -2.57 -13.91 -27.10
CA VAL C 87 -2.26 -13.16 -28.31
C VAL C 87 -2.71 -13.97 -29.50
N THR C 88 -3.38 -13.30 -30.45
CA THR C 88 -3.98 -13.96 -31.61
C THR C 88 -3.70 -13.16 -32.89
N TRP C 89 -3.78 -13.86 -34.02
CA TRP C 89 -3.76 -13.23 -35.33
C TRP C 89 -5.19 -13.04 -35.81
N GLU C 90 -5.58 -11.79 -36.04
CA GLU C 90 -6.93 -11.47 -36.50
C GLU C 90 -6.82 -10.66 -37.78
N GLU C 91 -6.94 -11.38 -38.91
CA GLU C 91 -6.54 -10.89 -40.21
C GLU C 91 -5.04 -10.81 -40.14
N GLU C 92 -4.51 -9.61 -40.33
CA GLU C 92 -3.08 -9.35 -40.28
C GLU C 92 -2.71 -8.49 -39.09
N HIS C 93 -3.64 -8.31 -38.15
CA HIS C 93 -3.37 -7.64 -36.89
C HIS C 93 -3.01 -8.64 -35.82
N LEU C 94 -1.97 -8.35 -35.06
CA LEU C 94 -1.61 -9.14 -33.90
C LEU C 94 -2.33 -8.53 -32.71
N VAL C 95 -3.20 -9.29 -32.09
CA VAL C 95 -4.12 -8.78 -31.07
C VAL C 95 -3.81 -9.45 -29.75
N CYS C 96 -3.63 -8.65 -28.71
CA CYS C 96 -3.31 -9.11 -27.37
C CYS C 96 -4.43 -8.64 -26.48
N VAL C 97 -5.02 -9.57 -25.72
CA VAL C 97 -5.98 -9.27 -24.65
C VAL C 97 -5.37 -9.69 -23.32
N GLN C 98 -5.34 -8.76 -22.38
CA GLN C 98 -4.75 -8.95 -21.06
C GLN C 98 -5.86 -8.88 -20.01
N LYS C 99 -6.36 -10.04 -19.59
CA LYS C 99 -7.48 -10.14 -18.65
C LYS C 99 -7.01 -9.96 -17.21
N GLY C 100 -7.65 -9.04 -16.50
CA GLY C 100 -7.34 -8.81 -15.10
C GLY C 100 -8.13 -7.68 -14.50
N GLU C 101 -7.50 -6.95 -13.58
CA GLU C 101 -8.19 -5.90 -12.84
C GLU C 101 -8.64 -4.77 -13.78
N VAL C 102 -7.86 -4.44 -14.80
CA VAL C 102 -8.15 -3.32 -15.70
C VAL C 102 -8.97 -3.84 -16.89
N PRO C 103 -10.14 -3.28 -17.14
CA PRO C 103 -10.94 -3.70 -18.28
C PRO C 103 -10.41 -3.16 -19.60
N ASN C 104 -10.68 -3.91 -20.67
CA ASN C 104 -10.35 -3.49 -22.03
C ASN C 104 -8.86 -3.31 -22.22
N ARG C 105 -8.06 -4.07 -21.49
CA ARG C 105 -6.62 -3.89 -21.54
C ARG C 105 -6.08 -4.80 -22.61
N GLY C 106 -5.29 -4.23 -23.52
CA GLY C 106 -4.60 -5.03 -24.51
C GLY C 106 -3.91 -4.14 -25.52
N TRP C 107 -3.52 -4.75 -26.64
CA TRP C 107 -2.89 -4.00 -27.71
C TRP C 107 -3.07 -4.74 -29.01
N ARG C 108 -2.86 -4.00 -30.09
CA ARG C 108 -2.91 -4.48 -31.47
C ARG C 108 -1.66 -4.00 -32.20
N HIS C 109 -0.96 -4.93 -32.84
CA HIS C 109 0.12 -4.59 -33.77
C HIS C 109 -0.35 -4.87 -35.20
N TRP C 110 0.00 -3.99 -36.14
CA TRP C 110 -0.12 -4.33 -37.55
C TRP C 110 0.99 -3.62 -38.30
N LEU C 111 1.34 -4.18 -39.45
CA LEU C 111 2.51 -3.76 -40.23
C LEU C 111 2.05 -3.25 -41.58
N GLU C 112 2.61 -2.13 -42.04
CA GLU C 112 2.23 -1.53 -43.31
C GLU C 112 3.53 -1.06 -43.93
N GLY C 113 4.12 -1.91 -44.76
CA GLY C 113 5.42 -1.64 -45.35
C GLY C 113 6.47 -1.66 -44.28
N GLU C 114 7.16 -0.52 -44.10
CA GLU C 114 8.18 -0.37 -43.08
C GLU C 114 7.59 0.08 -41.74
N MET C 115 6.30 0.45 -41.72
CA MET C 115 5.71 1.07 -40.54
C MET C 115 4.97 0.04 -39.69
N LEU C 116 5.41 -0.10 -38.46
CA LEU C 116 4.77 -0.96 -37.47
C LEU C 116 3.87 -0.06 -36.63
N TYR C 117 2.57 -0.26 -36.70
CA TYR C 117 1.65 0.48 -35.87
C TYR C 117 1.35 -0.32 -34.62
N LEU C 118 1.07 0.40 -33.53
CA LEU C 118 0.72 -0.18 -32.24
C LEU C 118 -0.41 0.63 -31.62
N GLU C 119 -1.49 -0.03 -31.23
CA GLU C 119 -2.58 0.58 -30.48
C GLU C 119 -2.61 0.01 -29.08
N LEU C 120 -2.64 0.87 -28.08
CA LEU C 120 -2.71 0.43 -26.69
C LEU C 120 -4.06 0.81 -26.10
N THR C 121 -4.67 -0.12 -25.37
CA THR C 121 -6.00 0.11 -24.83
C THR C 121 -6.02 -0.28 -23.36
N ALA C 122 -6.72 0.52 -22.56
CA ALA C 122 -6.98 0.28 -21.15
C ALA C 122 -8.17 1.15 -20.75
N ARG C 123 -9.15 0.56 -20.07
CA ARG C 123 -10.40 1.28 -19.76
C ARG C 123 -10.91 1.95 -21.03
N ASP C 124 -11.22 3.24 -21.02
CA ASP C 124 -11.71 3.96 -22.17
C ASP C 124 -10.59 4.61 -22.98
N ALA C 125 -9.33 4.38 -22.62
CA ALA C 125 -8.22 5.04 -23.28
C ALA C 125 -7.70 4.23 -24.47
N VAL C 126 -7.35 4.94 -25.54
CA VAL C 126 -6.75 4.34 -26.73
C VAL C 126 -5.53 5.20 -27.08
N CYS C 127 -4.36 4.60 -27.00
CA CYS C 127 -3.12 5.24 -27.41
C CYS C 127 -2.64 4.64 -28.73
N GLU C 128 -2.09 5.49 -29.60
CA GLU C 128 -1.57 5.07 -30.89
C GLU C 128 -0.08 5.37 -30.97
N GLN C 129 0.71 4.38 -31.37
CA GLN C 129 2.13 4.57 -31.63
C GLN C 129 2.48 4.11 -33.04
N VAL C 130 3.55 4.67 -33.58
CA VAL C 130 4.10 4.23 -34.86
C VAL C 130 5.61 4.10 -34.72
N PHE C 131 6.14 3.08 -35.36
CA PHE C 131 7.56 2.76 -35.34
C PHE C 131 7.93 2.41 -36.78
N ARG C 132 9.22 2.54 -37.08
CA ARG C 132 9.71 2.30 -38.43
C ARG C 132 10.85 1.30 -38.37
N LYS C 133 10.81 0.29 -39.23
CA LYS C 133 11.88 -0.70 -39.28
C LYS C 133 13.20 -0.06 -39.72
N VAL C 134 14.31 -0.48 -39.09
CA VAL C 134 15.65 -0.03 -39.48
C VAL C 134 16.33 -1.15 -40.24
N ARG C 135 17.39 -0.85 -40.98
CA ARG C 135 18.05 -1.93 -41.71
C ARG C 135 19.56 -1.75 -41.90
N PRO D 3 -13.63 -15.88 16.91
CA PRO D 3 -14.67 -16.90 16.59
C PRO D 3 -14.17 -18.33 16.76
N ASN D 4 -14.68 -19.07 17.73
CA ASN D 4 -14.18 -20.42 17.97
C ASN D 4 -15.00 -21.48 17.22
N LEU D 5 -14.29 -22.31 16.46
CA LEU D 5 -14.92 -23.26 15.55
C LEU D 5 -14.89 -24.68 16.06
N THR D 6 -14.30 -24.92 17.24
CA THR D 6 -14.22 -26.26 17.80
C THR D 6 -15.60 -26.91 17.77
N GLY D 7 -15.65 -28.14 17.28
CA GLY D 7 -16.90 -28.89 17.25
C GLY D 7 -16.82 -30.05 16.29
N TYR D 8 -17.86 -30.86 16.36
CA TYR D 8 -18.11 -31.91 15.38
C TYR D 8 -19.33 -31.49 14.59
N TYR D 9 -19.20 -31.52 13.27
CA TYR D 9 -20.22 -31.05 12.34
C TYR D 9 -20.61 -32.18 11.39
N ARG D 10 -21.93 -32.38 11.21
CA ARG D 10 -22.47 -33.47 10.42
C ARG D 10 -22.96 -32.92 9.10
N PHE D 11 -22.67 -33.65 8.01
CA PHE D 11 -23.07 -33.25 6.66
C PHE D 11 -24.55 -32.88 6.56
N VAL D 12 -24.85 -31.88 5.71
CA VAL D 12 -26.22 -31.53 5.38
C VAL D 12 -26.49 -31.58 3.88
N SER D 13 -25.73 -30.83 3.11
CA SER D 13 -25.99 -30.69 1.68
C SER D 13 -24.76 -30.12 0.99
N GLN D 14 -24.75 -30.27 -0.34
CA GLN D 14 -23.69 -29.73 -1.16
C GLN D 14 -24.22 -29.35 -2.53
N LYS D 15 -23.53 -28.43 -3.17
CA LYS D 15 -23.91 -27.95 -4.48
C LYS D 15 -22.65 -27.80 -5.31
N ASN D 16 -22.64 -28.39 -6.52
CA ASN D 16 -21.55 -28.22 -7.50
C ASN D 16 -20.25 -28.93 -7.11
N MET D 17 -20.34 -30.04 -6.36
CA MET D 17 -19.12 -30.78 -6.02
C MET D 17 -18.45 -31.42 -7.25
N GLU D 18 -19.22 -31.88 -8.23
CA GLU D 18 -18.58 -32.45 -9.43
C GLU D 18 -17.65 -31.42 -10.08
N ASP D 19 -18.10 -30.17 -10.16
CA ASP D 19 -17.31 -29.11 -10.76
C ASP D 19 -15.96 -28.97 -10.05
N TYR D 20 -15.98 -29.00 -8.72
CA TYR D 20 -14.73 -28.88 -7.96
C TYR D 20 -13.86 -30.12 -8.17
N LEU D 21 -14.47 -31.30 -8.15
CA LEU D 21 -13.71 -32.53 -8.36
C LEU D 21 -13.09 -32.56 -9.75
N GLN D 22 -13.82 -32.12 -10.77
CA GLN D 22 -13.23 -31.98 -12.10
C GLN D 22 -12.07 -30.99 -12.12
N ALA D 23 -12.17 -29.90 -11.36
CA ALA D 23 -11.11 -28.91 -11.42
C ALA D 23 -9.81 -29.43 -10.83
N LEU D 24 -9.90 -30.42 -9.94
CA LEU D 24 -8.71 -31.06 -9.40
C LEU D 24 -8.29 -32.24 -10.22
N ASN D 25 -8.97 -32.51 -11.34
CA ASN D 25 -8.54 -33.56 -12.25
C ASN D 25 -8.72 -34.93 -11.62
N ILE D 26 -9.69 -35.04 -10.72
CA ILE D 26 -9.99 -36.30 -10.06
C ILE D 26 -10.66 -37.24 -11.06
N SER D 27 -10.16 -38.47 -11.13
CA SER D 27 -10.59 -39.35 -12.19
C SER D 27 -12.08 -39.63 -12.05
N LEU D 28 -12.70 -39.99 -13.18
CA LEU D 28 -14.13 -40.22 -13.19
C LEU D 28 -14.55 -41.33 -12.23
N ALA D 29 -13.77 -42.41 -12.14
CA ALA D 29 -14.20 -43.49 -11.26
C ALA D 29 -14.26 -43.00 -9.83
N VAL D 30 -13.33 -42.12 -9.47
CA VAL D 30 -13.26 -41.61 -8.11
C VAL D 30 -14.35 -40.57 -7.85
N ARG D 31 -14.82 -39.85 -8.87
CA ARG D 31 -15.86 -38.85 -8.64
C ARG D 31 -17.17 -39.52 -8.35
N LYS D 32 -17.48 -40.59 -9.09
CA LYS D 32 -18.70 -41.37 -8.85
C LYS D 32 -18.86 -41.68 -7.37
N ILE D 33 -17.79 -42.18 -6.74
CA ILE D 33 -17.84 -42.51 -5.32
C ILE D 33 -17.96 -41.26 -4.48
N ALA D 34 -17.11 -40.26 -4.80
CA ALA D 34 -16.97 -39.07 -3.98
C ALA D 34 -18.25 -38.26 -3.90
N LEU D 35 -19.05 -38.26 -4.98
CA LEU D 35 -20.30 -37.49 -4.99
C LEU D 35 -21.36 -38.10 -4.08
N LEU D 36 -21.22 -39.37 -3.73
CA LEU D 36 -22.14 -40.02 -2.80
C LEU D 36 -21.72 -39.85 -1.34
N LEU D 37 -20.50 -39.41 -1.07
CA LEU D 37 -20.02 -39.27 0.28
C LEU D 37 -20.75 -38.15 0.98
N LYS D 38 -20.84 -38.29 2.31
CA LYS D 38 -21.51 -37.33 3.18
C LYS D 38 -20.56 -37.07 4.34
N PRO D 39 -19.47 -36.37 4.11
CA PRO D 39 -18.42 -36.30 5.12
C PRO D 39 -18.78 -35.37 6.27
N ASP D 40 -18.20 -35.66 7.43
CA ASP D 40 -18.31 -34.79 8.59
C ASP D 40 -17.05 -33.95 8.76
N LYS D 41 -17.17 -32.91 9.58
CA LYS D 41 -16.04 -32.05 9.93
C LYS D 41 -15.81 -32.10 11.43
N GLU D 42 -14.60 -32.40 11.83
CA GLU D 42 -14.16 -32.25 13.21
C GLU D 42 -13.11 -31.16 13.24
N ILE D 43 -13.34 -30.14 14.03
CA ILE D 43 -12.42 -29.02 14.15
C ILE D 43 -11.97 -28.91 15.61
N GLU D 44 -10.67 -28.89 15.83
CA GLU D 44 -10.08 -28.60 17.12
C GLU D 44 -9.34 -27.28 16.98
N HIS D 45 -9.78 -26.29 17.74
CA HIS D 45 -9.34 -24.92 17.57
C HIS D 45 -8.94 -24.40 18.95
N GLN D 46 -7.64 -24.38 19.19
CA GLN D 46 -7.07 -23.99 20.48
C GLN D 46 -6.07 -22.87 20.25
N GLY D 47 -6.47 -21.64 20.59
CA GLY D 47 -5.61 -20.50 20.35
C GLY D 47 -5.71 -20.12 18.91
N ASN D 48 -4.56 -20.02 18.25
CA ASN D 48 -4.57 -19.83 16.80
C ASN D 48 -4.02 -21.07 16.10
N HIS D 49 -4.04 -22.21 16.79
CA HIS D 49 -3.80 -23.51 16.17
C HIS D 49 -5.12 -24.19 15.86
N MET D 50 -5.25 -24.75 14.66
CA MET D 50 -6.42 -25.54 14.28
C MET D 50 -6.01 -26.83 13.61
N THR D 51 -6.82 -27.85 13.90
CA THR D 51 -6.92 -29.08 13.14
C THR D 51 -8.30 -29.12 12.52
N VAL D 52 -8.37 -29.41 11.22
CA VAL D 52 -9.62 -29.59 10.48
C VAL D 52 -9.60 -31.00 9.87
N ARG D 53 -10.43 -31.89 10.40
CA ARG D 53 -10.49 -33.28 9.94
C ARG D 53 -11.76 -33.47 9.12
N THR D 54 -11.61 -34.01 7.92
CA THR D 54 -12.72 -34.37 7.06
C THR D 54 -12.90 -35.89 7.12
N LEU D 55 -14.08 -36.34 7.53
CA LEU D 55 -14.28 -37.74 7.86
C LEU D 55 -15.30 -38.40 6.95
N SER D 56 -14.91 -39.50 6.33
CA SER D 56 -15.87 -40.31 5.59
C SER D 56 -15.50 -41.77 5.73
N THR D 57 -16.49 -42.62 5.46
CA THR D 57 -16.24 -44.05 5.39
C THR D 57 -15.15 -44.34 4.35
N PHE D 58 -15.19 -43.60 3.24
CA PHE D 58 -14.22 -43.79 2.16
C PHE D 58 -12.80 -43.44 2.61
N ARG D 59 -12.61 -42.22 3.11
CA ARG D 59 -11.27 -41.74 3.40
C ARG D 59 -11.40 -40.57 4.36
N ASN D 60 -10.36 -40.37 5.17
CA ASN D 60 -10.22 -39.18 6.00
C ASN D 60 -9.12 -38.29 5.45
N TYR D 61 -9.30 -36.97 5.60
CA TYR D 61 -8.27 -35.98 5.29
C TYR D 61 -8.19 -35.02 6.44
N THR D 62 -6.98 -34.82 6.96
CA THR D 62 -6.71 -33.93 8.09
C THR D 62 -5.64 -32.92 7.70
N VAL D 63 -5.83 -31.68 8.13
CA VAL D 63 -4.82 -30.64 7.98
C VAL D 63 -4.70 -29.88 9.30
N GLN D 64 -3.45 -29.57 9.70
CA GLN D 64 -3.18 -28.79 10.91
C GLN D 64 -2.42 -27.51 10.53
N PHE D 65 -2.71 -26.42 11.25
CA PHE D 65 -2.09 -25.15 10.89
C PHE D 65 -2.26 -24.14 12.01
N ASP D 66 -1.38 -23.14 12.03
CA ASP D 66 -1.59 -21.90 12.77
C ASP D 66 -2.09 -20.82 11.81
N VAL D 67 -3.09 -20.05 12.23
CA VAL D 67 -3.58 -19.01 11.32
C VAL D 67 -2.48 -18.00 11.09
N GLY D 68 -2.28 -17.64 9.83
CA GLY D 68 -1.29 -16.67 9.43
C GLY D 68 0.08 -17.21 9.16
N VAL D 69 0.30 -18.51 9.33
CA VAL D 69 1.59 -19.13 9.07
C VAL D 69 1.48 -20.06 7.88
N GLU D 70 2.27 -19.78 6.86
CA GLU D 70 2.28 -20.58 5.65
C GLU D 70 2.91 -21.95 5.92
N PHE D 71 2.35 -22.98 5.30
CA PHE D 71 2.85 -24.31 5.50
C PHE D 71 2.69 -25.09 4.20
N GLU D 72 3.51 -26.14 4.05
CA GLU D 72 3.33 -27.09 2.95
C GLU D 72 2.22 -28.05 3.34
N GLU D 73 1.21 -28.15 2.48
CA GLU D 73 0.08 -29.02 2.68
C GLU D 73 0.19 -30.19 1.70
N ASP D 74 0.25 -31.39 2.26
CA ASP D 74 0.41 -32.59 1.48
C ASP D 74 -1.00 -33.10 1.15
N LEU D 75 -1.44 -32.85 -0.09
CA LEU D 75 -2.74 -33.25 -0.60
C LEU D 75 -2.64 -34.46 -1.52
N ARG D 76 -1.58 -35.27 -1.36
CA ARG D 76 -1.40 -36.41 -2.25
C ARG D 76 -2.48 -37.45 -2.06
N SER D 77 -3.00 -37.61 -0.83
CA SER D 77 -4.13 -38.49 -0.60
C SER D 77 -5.45 -37.96 -1.19
N VAL D 78 -5.50 -36.74 -1.75
CA VAL D 78 -6.69 -36.18 -2.40
C VAL D 78 -6.58 -36.19 -3.93
N ASP D 79 -5.64 -35.41 -4.48
CA ASP D 79 -5.50 -35.26 -5.93
C ASP D 79 -4.07 -35.48 -6.40
N GLY D 80 -3.17 -35.87 -5.51
CA GLY D 80 -1.79 -36.12 -5.84
C GLY D 80 -0.87 -34.92 -5.72
N ARG D 81 -1.34 -33.78 -5.23
CA ARG D 81 -0.52 -32.57 -5.26
C ARG D 81 -0.14 -32.08 -3.87
N LYS D 82 0.93 -31.29 -3.86
CA LYS D 82 1.34 -30.51 -2.70
C LYS D 82 1.09 -29.03 -2.97
N CYS D 83 0.83 -28.28 -1.89
CA CYS D 83 0.51 -26.87 -1.99
C CYS D 83 1.24 -26.09 -0.92
N GLN D 84 1.51 -24.83 -1.21
CA GLN D 84 1.95 -23.87 -0.19
C GLN D 84 0.71 -23.14 0.31
N THR D 85 0.39 -23.33 1.58
CA THR D 85 -0.94 -22.98 2.05
C THR D 85 -0.85 -21.98 3.19
N ILE D 86 -1.78 -21.05 3.19
CA ILE D 86 -1.91 -20.04 4.25
C ILE D 86 -3.39 -19.91 4.59
N VAL D 87 -3.71 -19.90 5.89
CA VAL D 87 -5.06 -19.74 6.39
C VAL D 87 -5.15 -18.45 7.17
N THR D 88 -6.22 -17.69 6.94
CA THR D 88 -6.42 -16.38 7.55
C THR D 88 -7.87 -16.21 8.00
N TRP D 89 -8.07 -15.28 8.94
CA TRP D 89 -9.41 -14.79 9.33
C TRP D 89 -9.73 -13.51 8.56
N GLU D 90 -10.83 -13.52 7.82
CA GLU D 90 -11.26 -12.31 7.09
C GLU D 90 -12.72 -12.05 7.46
N GLU D 91 -12.92 -11.30 8.57
CA GLU D 91 -14.24 -10.94 9.10
C GLU D 91 -15.07 -12.20 9.44
N GLU D 92 -14.54 -13.02 10.34
CA GLU D 92 -15.20 -14.26 10.75
C GLU D 92 -15.28 -15.32 9.66
N HIS D 93 -14.70 -15.10 8.48
CA HIS D 93 -14.55 -16.18 7.50
C HIS D 93 -13.15 -16.76 7.66
N LEU D 94 -13.06 -18.07 7.70
CA LEU D 94 -11.76 -18.74 7.75
C LEU D 94 -11.37 -19.03 6.32
N VAL D 95 -10.28 -18.42 5.85
CA VAL D 95 -9.98 -18.40 4.44
C VAL D 95 -8.66 -19.12 4.22
N CYS D 96 -8.66 -20.07 3.28
CA CYS D 96 -7.51 -20.88 2.93
C CYS D 96 -7.18 -20.67 1.47
N VAL D 97 -5.95 -20.31 1.19
CA VAL D 97 -5.42 -20.27 -0.17
C VAL D 97 -4.34 -21.32 -0.26
N GLN D 98 -4.47 -22.20 -1.26
CA GLN D 98 -3.54 -23.30 -1.45
C GLN D 98 -2.81 -23.00 -2.77
N LYS D 99 -1.61 -22.46 -2.64
CA LYS D 99 -0.81 -22.10 -3.80
C LYS D 99 -0.13 -23.33 -4.38
N GLY D 100 -0.33 -23.55 -5.68
CA GLY D 100 0.38 -24.58 -6.38
C GLY D 100 0.01 -24.66 -7.86
N GLU D 101 -0.01 -25.89 -8.40
CA GLU D 101 -0.26 -26.15 -9.83
C GLU D 101 -1.68 -25.72 -10.24
N VAL D 102 -2.66 -25.84 -9.35
CA VAL D 102 -4.05 -25.54 -9.66
C VAL D 102 -4.34 -24.07 -9.30
N PRO D 103 -4.82 -23.26 -10.24
CA PRO D 103 -5.15 -21.87 -9.92
C PRO D 103 -6.41 -21.76 -9.08
N ASN D 104 -6.47 -20.68 -8.29
CA ASN D 104 -7.67 -20.31 -7.51
C ASN D 104 -8.10 -21.38 -6.53
N ARG D 105 -7.15 -22.18 -6.02
CA ARG D 105 -7.50 -23.30 -5.18
C ARG D 105 -7.51 -22.83 -3.73
N GLY D 106 -8.59 -23.12 -3.03
CA GLY D 106 -8.65 -22.86 -1.61
C GLY D 106 -10.02 -23.14 -1.05
N TRP D 107 -10.29 -22.60 0.14
CA TRP D 107 -11.62 -22.78 0.69
C TRP D 107 -11.91 -21.67 1.67
N ARG D 108 -13.20 -21.49 1.98
CA ARG D 108 -13.67 -20.55 2.98
C ARG D 108 -14.67 -21.26 3.87
N HIS D 109 -14.45 -21.18 5.18
CA HIS D 109 -15.41 -21.60 6.21
C HIS D 109 -16.05 -20.37 6.84
N TRP D 110 -17.32 -20.50 7.17
CA TRP D 110 -18.14 -19.43 7.72
C TRP D 110 -19.19 -20.09 8.61
N LEU D 111 -19.51 -19.46 9.73
CA LEU D 111 -20.41 -20.03 10.71
C LEU D 111 -21.65 -19.13 10.82
N GLU D 112 -22.82 -19.73 10.94
CA GLU D 112 -24.09 -19.00 11.05
C GLU D 112 -24.90 -19.78 12.06
N GLY D 113 -24.78 -19.39 13.32
CA GLY D 113 -25.37 -20.18 14.37
C GLY D 113 -24.62 -21.50 14.46
N GLU D 114 -25.35 -22.60 14.40
CA GLU D 114 -24.79 -23.94 14.34
C GLU D 114 -24.58 -24.42 12.92
N MET D 115 -24.85 -23.59 11.93
CA MET D 115 -24.74 -23.98 10.53
C MET D 115 -23.33 -23.57 10.06
N LEU D 116 -22.51 -24.56 9.72
CA LEU D 116 -21.17 -24.32 9.23
C LEU D 116 -21.18 -24.40 7.71
N TYR D 117 -20.94 -23.28 7.05
CA TYR D 117 -20.84 -23.29 5.60
C TYR D 117 -19.38 -23.49 5.18
N LEU D 118 -19.19 -24.11 4.00
CA LEU D 118 -17.89 -24.35 3.41
C LEU D 118 -17.99 -24.10 1.91
N GLU D 119 -17.13 -23.25 1.37
CA GLU D 119 -16.99 -22.99 -0.06
C GLU D 119 -15.67 -23.57 -0.52
N LEU D 120 -15.69 -24.41 -1.56
CA LEU D 120 -14.48 -25.00 -2.13
C LEU D 120 -14.29 -24.45 -3.54
N THR D 121 -13.06 -24.04 -3.86
CA THR D 121 -12.76 -23.42 -5.13
C THR D 121 -11.54 -24.06 -5.77
N ALA D 122 -11.59 -24.20 -7.09
CA ALA D 122 -10.44 -24.62 -7.88
C ALA D 122 -10.75 -24.22 -9.30
N ARG D 123 -9.80 -23.59 -10.00
CA ARG D 123 -10.02 -23.08 -11.36
C ARG D 123 -11.29 -22.22 -11.35
N ASP D 124 -12.26 -22.47 -12.22
CA ASP D 124 -13.51 -21.73 -12.30
C ASP D 124 -14.62 -22.36 -11.46
N ALA D 125 -14.32 -23.38 -10.68
CA ALA D 125 -15.35 -24.14 -9.98
C ALA D 125 -15.53 -23.61 -8.56
N VAL D 126 -16.79 -23.61 -8.13
CA VAL D 126 -17.16 -23.25 -6.78
C VAL D 126 -18.15 -24.29 -6.31
N CYS D 127 -17.80 -25.00 -5.25
CA CYS D 127 -18.67 -25.94 -4.59
C CYS D 127 -19.06 -25.35 -3.23
N GLU D 128 -20.31 -25.54 -2.84
CA GLU D 128 -20.78 -25.09 -1.53
C GLU D 128 -21.21 -26.31 -0.74
N GLN D 129 -20.73 -26.40 0.50
CA GLN D 129 -21.12 -27.44 1.43
C GLN D 129 -21.67 -26.78 2.68
N VAL D 130 -22.52 -27.54 3.38
CA VAL D 130 -23.09 -27.15 4.66
C VAL D 130 -23.02 -28.32 5.62
N PHE D 131 -22.79 -28.01 6.89
CA PHE D 131 -22.72 -28.96 7.98
C PHE D 131 -23.46 -28.30 9.13
N ARG D 132 -23.80 -29.11 10.14
CA ARG D 132 -24.49 -28.65 11.33
C ARG D 132 -23.80 -29.25 12.56
N LYS D 133 -23.53 -28.42 13.56
CA LYS D 133 -22.87 -28.93 14.76
C LYS D 133 -23.77 -29.92 15.52
N VAL D 134 -23.13 -30.93 16.12
CA VAL D 134 -23.80 -31.84 17.03
C VAL D 134 -23.27 -31.59 18.46
#